data_4O7V
#
_entry.id   4O7V
#
_cell.length_a   44.160
_cell.length_b   155.120
_cell.length_c   78.300
_cell.angle_alpha   90.000
_cell.angle_beta   90.000
_cell.angle_gamma   90.000
#
_symmetry.space_group_name_H-M   'C 2 2 21'
#
loop_
_entity.id
_entity.type
_entity.pdbx_description
1 polymer 'Phosphoribosylaminoimidazole-succinocarboxamide synthase'
2 non-polymer "URIDINE-5'-DIPHOSPHATE"
3 non-polymer "ADENOSINE-5'-DIPHOSPHATE"
4 non-polymer "URIDINE-5'-MONOPHOSPHATE"
5 non-polymer 'ACETATE ION'
6 non-polymer 'PHOSPHATE ION'
7 water water
#
_entity_poly.entity_id   1
_entity_poly.type   'polypeptide(L)'
_entity_poly.pdbx_seq_one_letter_code
;MVKLMEVYEGKAKKMIPIDDDKLIMEFKDDATAFDGTKKARFKGKGWLNAQLSVIFFKLLEEHGIKTHFIGVAGGNRLIV
EKLDMYPLEVVVRNVVAGSLKKRLPLPEGYELPEPIVELYYKNDELHDPMINYYHAKVLGISLDEIKKIEEIALKVNEIL
KDYLAKKGIILVDFKLEFGKDKNGDIVLADEISPDTCRFWDAKTKRSLDKDVFRFDKGDLIEAYKEIYERITGEKPEF
;
_entity_poly.pdbx_strand_id   A
#
# COMPACT_ATOMS: atom_id res chain seq x y z
N LYS A 11 4.45 0.83 -13.96
CA LYS A 11 5.34 -0.29 -13.55
C LYS A 11 4.56 -1.59 -13.24
N ALA A 12 3.48 -1.45 -12.45
CA ALA A 12 2.61 -2.56 -12.09
C ALA A 12 1.11 -2.26 -12.27
N LYS A 13 0.78 -1.04 -12.71
CA LYS A 13 -0.62 -0.60 -12.86
C LYS A 13 -0.83 0.38 -14.03
N LYS A 14 -2.00 0.29 -14.67
CA LYS A 14 -2.44 1.23 -15.70
C LYS A 14 -3.62 2.10 -15.18
N MET A 15 -3.62 3.38 -15.55
CA MET A 15 -4.73 4.28 -15.20
C MET A 15 -5.38 4.80 -16.48
N ILE A 16 -6.65 4.46 -16.68
CA ILE A 16 -7.39 4.86 -17.88
C ILE A 16 -8.58 5.75 -17.53
N PRO A 17 -8.54 7.04 -17.94
CA PRO A 17 -9.64 7.99 -17.74
C PRO A 17 -10.99 7.52 -18.28
N ILE A 18 -12.06 7.91 -17.60
CA ILE A 18 -13.43 7.64 -18.06
C ILE A 18 -14.15 8.96 -18.39
N ASP A 19 -14.21 9.84 -17.40
CA ASP A 19 -14.72 11.20 -17.58
C ASP A 19 -13.93 12.16 -16.68
N ASP A 20 -14.48 13.34 -16.43
CA ASP A 20 -13.84 14.30 -15.52
C ASP A 20 -14.24 14.00 -14.07
N ASP A 21 -14.31 12.71 -13.74
CA ASP A 21 -14.98 12.26 -12.51
C ASP A 21 -14.41 10.96 -11.95
N LYS A 22 -14.15 9.99 -12.82
CA LYS A 22 -13.62 8.70 -12.39
C LYS A 22 -12.63 8.11 -13.38
N LEU A 23 -11.84 7.15 -12.93
CA LEU A 23 -10.91 6.47 -13.83
C LEU A 23 -10.79 4.97 -13.53
N ILE A 24 -10.11 4.26 -14.43
CA ILE A 24 -9.94 2.81 -14.32
C ILE A 24 -8.55 2.54 -13.79
N MET A 25 -8.45 1.73 -12.73
CA MET A 25 -7.16 1.29 -12.23
C MET A 25 -6.96 -0.17 -12.62
N GLU A 26 -6.01 -0.41 -13.51
CA GLU A 26 -5.73 -1.77 -13.97
C GLU A 26 -4.45 -2.30 -13.34
N PHE A 27 -4.54 -3.48 -12.74
CA PHE A 27 -3.40 -4.14 -12.11
C PHE A 27 -2.74 -5.10 -13.10
N LYS A 28 -1.43 -4.93 -13.30
CA LYS A 28 -0.70 -5.73 -14.28
C LYS A 28 0.10 -6.83 -13.60
N ASP A 29 0.52 -7.82 -14.39
CA ASP A 29 1.30 -8.93 -13.88
C ASP A 29 2.78 -8.61 -13.67
N ASP A 30 3.21 -7.44 -14.11
CA ASP A 30 4.60 -7.00 -13.95
C ASP A 30 4.98 -6.72 -12.50
N ALA A 31 6.21 -7.08 -12.15
CA ALA A 31 6.81 -6.68 -10.88
C ALA A 31 8.18 -6.08 -11.13
N THR A 32 8.53 -5.07 -10.32
CA THR A 32 9.84 -4.41 -10.38
C THR A 32 10.30 -4.14 -8.96
N ALA A 33 11.61 -4.13 -8.75
CA ALA A 33 12.19 -3.82 -7.45
C ALA A 33 13.50 -3.11 -7.63
N PHE A 34 14.03 -2.63 -6.52
CA PHE A 34 15.31 -1.93 -6.45
C PHE A 34 15.37 -0.80 -7.46
N ASP A 35 14.39 0.10 -7.36
CA ASP A 35 14.37 1.28 -8.20
C ASP A 35 14.35 0.82 -9.67
N GLY A 36 13.36 -0.04 -9.98
CA GLY A 36 13.13 -0.54 -11.32
C GLY A 36 14.20 -1.39 -11.99
N THR A 37 15.32 -1.65 -11.31
CA THR A 37 16.44 -2.41 -11.91
C THR A 37 16.18 -3.92 -12.05
N LYS A 38 15.42 -4.50 -11.11
CA LYS A 38 15.01 -5.90 -11.15
C LYS A 38 13.59 -6.04 -11.72
N LYS A 39 13.42 -6.88 -12.74
CA LYS A 39 12.10 -7.04 -13.37
C LYS A 39 11.74 -8.49 -13.63
N ALA A 40 10.47 -8.81 -13.45
CA ALA A 40 9.90 -10.11 -13.82
C ALA A 40 8.39 -9.94 -14.02
N ARG A 41 7.75 -10.97 -14.55
CA ARG A 41 6.29 -11.00 -14.70
C ARG A 41 5.76 -12.22 -13.99
N PHE A 42 4.62 -12.07 -13.32
CA PHE A 42 4.01 -13.16 -12.57
C PHE A 42 2.55 -13.36 -12.94
N LYS A 43 2.28 -14.49 -13.60
CA LYS A 43 0.95 -14.83 -14.09
C LYS A 43 -0.05 -14.79 -12.95
N GLY A 44 -1.00 -13.88 -13.07
CA GLY A 44 -2.04 -13.74 -12.05
C GLY A 44 -1.76 -12.75 -10.93
N LYS A 45 -0.59 -12.11 -10.92
CA LYS A 45 -0.29 -11.13 -9.85
C LYS A 45 -1.24 -9.92 -9.87
N GLY A 46 -1.57 -9.46 -11.08
CA GLY A 46 -2.56 -8.41 -11.29
C GLY A 46 -3.86 -8.74 -10.59
N TRP A 47 -4.37 -9.96 -10.84
CA TRP A 47 -5.63 -10.41 -10.28
C TRP A 47 -5.63 -10.40 -8.78
N LEU A 48 -4.57 -10.96 -8.20
CA LEU A 48 -4.44 -11.02 -6.75
C LEU A 48 -4.41 -9.63 -6.09
N ASN A 49 -3.53 -8.77 -6.58
CA ASN A 49 -3.41 -7.41 -6.05
C ASN A 49 -4.71 -6.60 -6.17
N ALA A 50 -5.42 -6.78 -7.29
CA ALA A 50 -6.71 -6.12 -7.50
C ALA A 50 -7.73 -6.55 -6.46
N GLN A 51 -7.86 -7.87 -6.28
CA GLN A 51 -8.84 -8.44 -5.38
C GLN A 51 -8.54 -8.05 -3.96
N LEU A 52 -7.26 -8.11 -3.60
CA LEU A 52 -6.85 -7.76 -2.26
C LEU A 52 -7.02 -6.26 -1.96
N SER A 53 -6.80 -5.41 -2.96
CA SER A 53 -7.07 -3.98 -2.81
C SER A 53 -8.54 -3.75 -2.52
N VAL A 54 -9.40 -4.40 -3.31
CA VAL A 54 -10.86 -4.34 -3.16
C VAL A 54 -11.27 -4.71 -1.74
N ILE A 55 -10.81 -5.88 -1.28
CA ILE A 55 -11.09 -6.34 0.08
C ILE A 55 -10.62 -5.32 1.13
N PHE A 56 -9.40 -4.83 0.99
CA PHE A 56 -8.87 -3.86 1.94
C PHE A 56 -9.63 -2.53 1.89
N PHE A 57 -9.89 -2.00 0.70
CA PHE A 57 -10.66 -0.75 0.60
C PHE A 57 -12.05 -0.86 1.22
N LYS A 58 -12.71 -2.01 1.04
CA LYS A 58 -14.04 -2.24 1.61
C LYS A 58 -14.01 -2.37 3.12
N LEU A 59 -13.02 -3.07 3.68
CA LEU A 59 -12.85 -3.11 5.14
C LEU A 59 -12.69 -1.70 5.71
N LEU A 60 -11.84 -0.90 5.06
CA LEU A 60 -11.54 0.46 5.51
C LEU A 60 -12.74 1.39 5.41
N GLU A 61 -13.48 1.29 4.30
CA GLU A 61 -14.69 2.08 4.11
C GLU A 61 -15.69 1.82 5.24
N GLU A 62 -15.86 0.54 5.61
CA GLU A 62 -16.73 0.13 6.72
C GLU A 62 -16.30 0.73 8.04
N HIS A 63 -15.01 1.02 8.17
CA HIS A 63 -14.49 1.64 9.38
C HIS A 63 -14.43 3.14 9.25
N GLY A 64 -15.08 3.68 8.23
CA GLY A 64 -15.20 5.13 8.05
C GLY A 64 -13.97 5.83 7.47
N ILE A 65 -13.19 5.10 6.65
CA ILE A 65 -12.06 5.66 5.93
C ILE A 65 -12.49 6.02 4.51
N LYS A 66 -12.39 7.29 4.15
CA LYS A 66 -12.72 7.70 2.78
C LYS A 66 -11.65 7.19 1.82
N THR A 67 -12.06 6.34 0.88
CA THR A 67 -11.14 5.83 -0.13
C THR A 67 -11.65 6.20 -1.52
N HIS A 68 -10.83 5.93 -2.52
CA HIS A 68 -11.19 6.25 -3.89
C HIS A 68 -11.96 5.14 -4.56
N PHE A 69 -12.12 4.02 -3.84
CA PHE A 69 -12.79 2.85 -4.41
C PHE A 69 -14.25 3.13 -4.74
N ILE A 70 -14.61 2.91 -6.01
CA ILE A 70 -16.01 3.05 -6.45
C ILE A 70 -16.57 1.66 -6.81
N GLY A 71 -15.86 0.92 -7.65
CA GLY A 71 -16.28 -0.43 -8.01
C GLY A 71 -15.26 -1.25 -8.77
N VAL A 72 -15.69 -2.43 -9.20
CA VAL A 72 -14.86 -3.35 -9.99
C VAL A 72 -15.33 -3.33 -11.44
N ALA A 73 -14.38 -3.34 -12.37
CA ALA A 73 -14.71 -3.35 -13.80
C ALA A 73 -14.27 -4.66 -14.47
N GLY A 74 -14.39 -5.75 -13.72
CA GLY A 74 -14.09 -7.10 -14.19
C GLY A 74 -12.62 -7.40 -14.40
N GLY A 75 -12.13 -8.40 -13.66
CA GLY A 75 -10.77 -8.89 -13.85
C GLY A 75 -9.73 -8.21 -12.98
N ASN A 76 -8.88 -7.41 -13.61
CA ASN A 76 -7.82 -6.69 -12.93
C ASN A 76 -8.08 -5.18 -12.81
N ARG A 77 -9.32 -4.78 -13.07
CA ARG A 77 -9.66 -3.36 -13.17
C ARG A 77 -10.59 -2.92 -12.06
N LEU A 78 -10.22 -1.84 -11.37
CA LEU A 78 -11.12 -1.22 -10.40
C LEU A 78 -11.58 0.12 -10.95
N ILE A 79 -12.77 0.53 -10.55
CA ILE A 79 -13.27 1.87 -10.87
C ILE A 79 -12.99 2.72 -9.66
N VAL A 80 -12.28 3.82 -9.87
CA VAL A 80 -11.88 4.67 -8.76
C VAL A 80 -12.16 6.15 -9.03
N GLU A 81 -12.37 6.89 -7.94
CA GLU A 81 -12.60 8.31 -7.98
C GLU A 81 -11.31 9.02 -8.38
N LYS A 82 -11.42 9.96 -9.31
CA LYS A 82 -10.29 10.80 -9.69
C LYS A 82 -10.00 11.81 -8.59
N LEU A 83 -8.72 11.94 -8.25
CA LEU A 83 -8.29 12.85 -7.20
C LEU A 83 -7.11 13.70 -7.65
N ASP A 84 -7.01 14.88 -7.06
CA ASP A 84 -5.81 15.69 -7.13
CA ASP A 84 -5.81 15.68 -7.14
C ASP A 84 -4.81 15.08 -6.15
N MET A 85 -3.87 14.29 -6.68
CA MET A 85 -2.95 13.51 -5.85
C MET A 85 -1.90 14.34 -5.16
N TYR A 86 -1.66 14.02 -3.89
CA TYR A 86 -0.48 14.55 -3.18
C TYR A 86 0.73 13.81 -3.69
N PRO A 87 1.85 14.51 -3.92
CA PRO A 87 3.05 13.80 -4.38
C PRO A 87 3.78 13.16 -3.21
N LEU A 88 3.11 12.23 -2.51
CA LEU A 88 3.66 11.59 -1.33
C LEU A 88 3.49 10.08 -1.36
N GLU A 89 4.44 9.39 -0.75
CA GLU A 89 4.25 8.01 -0.34
C GLU A 89 4.33 8.05 1.19
N VAL A 90 3.30 7.53 1.84
CA VAL A 90 3.14 7.59 3.29
C VAL A 90 3.33 6.19 3.85
N VAL A 91 4.46 5.97 4.53
CA VAL A 91 4.83 4.66 5.04
C VAL A 91 4.57 4.56 6.55
N VAL A 92 3.84 3.53 6.97
CA VAL A 92 3.58 3.26 8.37
C VAL A 92 4.34 1.97 8.72
N ARG A 93 5.06 1.96 9.84
CA ARG A 93 5.90 0.82 10.22
C ARG A 93 5.61 0.37 11.66
N ASN A 94 5.37 -0.93 11.83
CA ASN A 94 5.14 -1.53 13.15
C ASN A 94 6.30 -2.37 13.63
N VAL A 95 6.97 -3.00 12.66
CA VAL A 95 8.09 -3.90 12.90
C VAL A 95 9.22 -3.45 11.97
N VAL A 96 10.45 -3.45 12.49
CA VAL A 96 11.63 -3.03 11.74
C VAL A 96 11.91 -3.99 10.57
N ALA A 97 11.99 -3.41 9.37
CA ALA A 97 12.36 -4.12 8.14
C ALA A 97 12.75 -3.11 7.06
N GLY A 98 13.24 -3.61 5.93
CA GLY A 98 13.60 -2.75 4.80
C GLY A 98 14.50 -1.59 5.15
N SER A 99 14.18 -0.41 4.62
CA SER A 99 15.06 0.77 4.77
C SER A 99 15.17 1.31 6.19
N LEU A 100 14.26 0.90 7.07
CA LEU A 100 14.33 1.36 8.47
C LEU A 100 15.59 0.89 9.21
N LYS A 101 16.12 -0.26 8.77
CA LYS A 101 17.36 -0.81 9.32
C LYS A 101 18.54 0.11 9.03
N LYS A 102 18.45 0.91 7.96
CA LYS A 102 19.48 1.90 7.63
C LYS A 102 19.26 3.25 8.32
N ARG A 103 18.17 3.37 9.06
CA ARG A 103 17.87 4.64 9.68
C ARG A 103 17.94 4.55 11.20
N LEU A 104 17.74 3.33 11.72
CA LEU A 104 17.76 3.05 13.15
C LEU A 104 18.55 1.75 13.40
N PRO A 105 19.43 1.76 14.42
CA PRO A 105 20.32 0.61 14.64
C PRO A 105 19.55 -0.51 15.38
N LEU A 106 18.54 -1.04 14.71
CA LEU A 106 17.65 -2.02 15.29
C LEU A 106 17.55 -3.17 14.33
N PRO A 107 17.41 -4.41 14.83
CA PRO A 107 17.43 -5.54 13.89
C PRO A 107 16.08 -5.76 13.20
N GLU A 108 16.12 -6.40 12.04
CA GLU A 108 14.96 -6.94 11.36
C GLU A 108 14.09 -7.72 12.36
N GLY A 109 12.80 -7.41 12.43
CA GLY A 109 11.92 -8.14 13.33
C GLY A 109 11.68 -7.42 14.65
N TYR A 110 12.47 -6.38 14.91
CA TYR A 110 12.31 -5.59 16.11
C TYR A 110 10.92 -4.94 16.17
N GLU A 111 10.21 -5.20 17.26
CA GLU A 111 8.89 -4.67 17.48
C GLU A 111 8.95 -3.22 17.96
N LEU A 112 8.48 -2.28 17.15
CA LEU A 112 8.50 -0.86 17.55
C LEU A 112 7.57 -0.57 18.74
N PRO A 113 7.99 0.35 19.65
CA PRO A 113 7.15 0.65 20.82
C PRO A 113 5.85 1.35 20.40
N GLU A 114 5.90 2.12 19.32
CA GLU A 114 4.69 2.67 18.70
C GLU A 114 4.94 2.80 17.18
N PRO A 115 3.87 2.94 16.38
CA PRO A 115 4.10 2.99 14.93
C PRO A 115 4.93 4.19 14.48
N ILE A 116 5.74 4.00 13.44
CA ILE A 116 6.48 5.08 12.80
C ILE A 116 5.80 5.45 11.48
N VAL A 117 5.62 6.74 11.22
CA VAL A 117 5.08 7.21 9.94
C VAL A 117 6.19 7.97 9.24
N GLU A 118 6.44 7.61 7.99
CA GLU A 118 7.47 8.29 7.18
C GLU A 118 6.83 8.88 5.93
N LEU A 119 7.24 10.09 5.58
CA LEU A 119 6.79 10.75 4.36
C LEU A 119 7.91 10.72 3.33
N TYR A 120 7.57 10.26 2.12
CA TYR A 120 8.50 10.26 1.00
C TYR A 120 7.92 11.09 -0.12
N TYR A 121 8.76 11.96 -0.68
CA TYR A 121 8.35 12.80 -1.78
C TYR A 121 8.42 12.01 -3.08
N LYS A 122 7.26 11.82 -3.72
CA LYS A 122 7.17 11.08 -4.99
C LYS A 122 7.83 11.86 -6.11
N ASN A 123 9.08 11.56 -6.39
CA ASN A 123 9.85 12.26 -7.41
C ASN A 123 10.94 11.36 -7.94
N ASP A 124 10.80 10.96 -9.21
CA ASP A 124 11.72 10.00 -9.84
C ASP A 124 13.12 10.55 -10.02
N GLU A 125 13.21 11.80 -10.46
CA GLU A 125 14.49 12.50 -10.58
C GLU A 125 15.32 12.45 -9.28
N LEU A 126 14.64 12.44 -8.13
CA LEU A 126 15.31 12.45 -6.83
C LEU A 126 15.26 11.09 -6.10
N HIS A 127 14.65 10.11 -6.75
CA HIS A 127 14.46 8.76 -6.19
C HIS A 127 13.70 8.76 -4.89
N ASP A 128 12.56 9.45 -4.87
CA ASP A 128 11.61 9.41 -3.75
C ASP A 128 12.25 9.63 -2.37
N PRO A 129 12.89 10.81 -2.14
CA PRO A 129 13.59 10.99 -0.88
C PRO A 129 12.60 11.17 0.28
N MET A 130 13.00 10.74 1.47
CA MET A 130 12.25 11.05 2.68
C MET A 130 12.19 12.56 2.89
N ILE A 131 11.06 13.04 3.41
CA ILE A 131 10.91 14.44 3.77
C ILE A 131 10.24 14.53 5.13
N ASN A 132 10.25 15.74 5.69
CA ASN A 132 9.48 16.03 6.87
C ASN A 132 8.37 17.06 6.57
N TYR A 133 7.69 17.55 7.60
CA TYR A 133 6.57 18.52 7.46
C TYR A 133 6.98 19.84 6.84
N TYR A 134 8.23 20.25 7.07
CA TYR A 134 8.72 21.51 6.50
C TYR A 134 8.92 21.41 5.00
N HIS A 135 9.50 20.31 4.53
CA HIS A 135 9.66 20.10 3.11
C HIS A 135 8.30 20.05 2.48
N ALA A 136 7.35 19.33 3.09
CA ALA A 136 5.96 19.22 2.61
C ALA A 136 5.31 20.61 2.38
N LYS A 137 5.47 21.50 3.35
CA LYS A 137 4.97 22.86 3.25
C LYS A 137 5.59 23.59 2.05
N VAL A 138 6.90 23.45 1.83
CA VAL A 138 7.53 24.07 0.67
C VAL A 138 6.95 23.49 -0.62
N LEU A 139 6.57 22.21 -0.56
CA LEU A 139 5.90 21.56 -1.70
C LEU A 139 4.42 21.94 -1.82
N GLY A 140 3.90 22.73 -0.88
CA GLY A 140 2.51 23.22 -0.95
C GLY A 140 1.51 22.42 -0.14
N ILE A 141 2.00 21.61 0.79
CA ILE A 141 1.15 20.80 1.66
C ILE A 141 1.21 21.39 3.08
N SER A 142 0.07 21.91 3.55
CA SER A 142 0.00 22.58 4.84
C SER A 142 0.17 21.58 5.97
N LEU A 143 0.53 22.09 7.14
CA LEU A 143 0.66 21.26 8.35
C LEU A 143 -0.65 20.54 8.70
N ASP A 144 -1.76 21.27 8.59
CA ASP A 144 -3.12 20.74 8.82
CA ASP A 144 -3.08 20.69 8.88
C ASP A 144 -3.37 19.52 7.93
N GLU A 145 -3.03 19.65 6.66
CA GLU A 145 -3.16 18.55 5.70
C GLU A 145 -2.30 17.33 6.05
N ILE A 146 -1.02 17.59 6.36
CA ILE A 146 -0.08 16.55 6.78
C ILE A 146 -0.59 15.81 8.03
N LYS A 147 -1.00 16.56 9.04
CA LYS A 147 -1.59 16.00 10.25
C LYS A 147 -2.83 15.13 9.98
N LYS A 148 -3.74 15.59 9.13
CA LYS A 148 -4.89 14.78 8.71
C LYS A 148 -4.43 13.50 8.00
N ILE A 149 -3.44 13.64 7.09
CA ILE A 149 -2.89 12.48 6.36
C ILE A 149 -2.34 11.42 7.32
N GLU A 150 -1.53 11.84 8.29
CA GLU A 150 -0.91 10.91 9.22
C GLU A 150 -1.96 10.26 10.13
N GLU A 151 -2.94 11.06 10.55
CA GLU A 151 -4.07 10.58 11.35
C GLU A 151 -4.83 9.46 10.65
N ILE A 152 -5.12 9.63 9.36
CA ILE A 152 -5.74 8.56 8.57
C ILE A 152 -4.82 7.31 8.47
N ALA A 153 -3.57 7.50 8.05
CA ALA A 153 -2.61 6.38 7.93
C ALA A 153 -2.54 5.52 9.21
N LEU A 154 -2.47 6.20 10.35
CA LEU A 154 -2.38 5.54 11.65
C LEU A 154 -3.66 4.76 11.98
N LYS A 155 -4.81 5.31 11.59
CA LYS A 155 -6.10 4.63 11.77
C LYS A 155 -6.18 3.42 10.82
N VAL A 156 -5.84 3.63 9.55
CA VAL A 156 -5.70 2.54 8.57
C VAL A 156 -4.80 1.42 9.13
N ASN A 157 -3.67 1.79 9.73
CA ASN A 157 -2.75 0.84 10.38
C ASN A 157 -3.46 -0.03 11.43
N GLU A 158 -4.18 0.61 12.35
CA GLU A 158 -4.88 -0.09 13.42
C GLU A 158 -5.86 -1.11 12.88
N ILE A 159 -6.74 -0.67 11.98
CA ILE A 159 -7.73 -1.54 11.35
C ILE A 159 -7.07 -2.71 10.61
N LEU A 160 -6.10 -2.42 9.74
CA LEU A 160 -5.44 -3.49 8.97
C LEU A 160 -4.70 -4.48 9.86
N LYS A 161 -3.90 -3.99 10.82
CA LYS A 161 -3.16 -4.87 11.70
C LYS A 161 -4.06 -5.75 12.59
N ASP A 162 -5.11 -5.16 13.18
CA ASP A 162 -6.11 -5.92 13.96
C ASP A 162 -6.76 -7.01 13.13
N TYR A 163 -7.19 -6.63 11.93
CA TYR A 163 -7.84 -7.54 10.99
C TYR A 163 -6.91 -8.67 10.56
N LEU A 164 -5.66 -8.34 10.24
CA LEU A 164 -4.71 -9.35 9.78
C LEU A 164 -4.21 -10.22 10.93
N ALA A 165 -4.08 -9.63 12.13
CA ALA A 165 -3.65 -10.38 13.33
C ALA A 165 -4.61 -11.54 13.62
N LYS A 166 -5.90 -11.27 13.55
CA LYS A 166 -6.94 -12.30 13.72
C LYS A 166 -6.76 -13.45 12.73
N LYS A 167 -6.03 -13.18 11.64
CA LYS A 167 -5.85 -14.18 10.58
C LYS A 167 -4.44 -14.74 10.53
N GLY A 168 -3.67 -14.48 11.58
CA GLY A 168 -2.32 -15.04 11.71
C GLY A 168 -1.31 -14.35 10.81
N ILE A 169 -1.55 -13.07 10.51
CA ILE A 169 -0.64 -12.26 9.70
C ILE A 169 -0.24 -10.99 10.44
N ILE A 170 1.07 -10.80 10.57
CA ILE A 170 1.62 -9.59 11.14
C ILE A 170 1.81 -8.54 10.04
N LEU A 171 1.18 -7.38 10.24
CA LEU A 171 1.38 -6.26 9.35
C LEU A 171 2.66 -5.53 9.76
N VAL A 172 3.73 -5.78 9.00
CA VAL A 172 5.05 -5.28 9.36
C VAL A 172 5.18 -3.78 9.05
N ASP A 173 4.85 -3.40 7.82
CA ASP A 173 4.81 -2.02 7.37
C ASP A 173 3.99 -1.96 6.09
N PHE A 174 3.73 -0.75 5.58
CA PHE A 174 2.96 -0.61 4.35
C PHE A 174 3.03 0.82 3.86
N LYS A 175 2.74 1.01 2.57
CA LYS A 175 2.76 2.33 1.98
C LYS A 175 1.36 2.74 1.50
N LEU A 176 0.99 3.97 1.80
CA LEU A 176 -0.24 4.56 1.27
C LEU A 176 0.00 5.81 0.42
N GLU A 177 -0.98 6.12 -0.42
CA GLU A 177 -1.03 7.36 -1.17
C GLU A 177 -2.38 8.01 -1.01
N PHE A 178 -2.42 9.33 -1.17
CA PHE A 178 -3.63 10.10 -0.94
C PHE A 178 -3.81 11.17 -2.01
N GLY A 179 -5.05 11.58 -2.18
CA GLY A 179 -5.37 12.74 -2.98
C GLY A 179 -6.50 13.53 -2.36
N LYS A 180 -6.82 14.65 -3.00
CA LYS A 180 -7.90 15.50 -2.55
C LYS A 180 -9.08 15.37 -3.50
N ASP A 181 -10.29 15.20 -2.96
CA ASP A 181 -11.50 15.20 -3.79
C ASP A 181 -12.01 16.63 -4.03
N LYS A 182 -13.09 16.76 -4.79
CA LYS A 182 -13.59 18.08 -5.18
C LYS A 182 -14.11 18.90 -3.99
N ASN A 183 -14.44 18.21 -2.90
CA ASN A 183 -14.81 18.87 -1.64
C ASN A 183 -13.62 19.26 -0.77
N GLY A 184 -12.41 18.99 -1.26
CA GLY A 184 -11.20 19.28 -0.50
C GLY A 184 -10.92 18.30 0.63
N ASP A 185 -11.62 17.17 0.62
CA ASP A 185 -11.42 16.08 1.58
C ASP A 185 -10.22 15.22 1.17
N ILE A 186 -9.50 14.72 2.17
CA ILE A 186 -8.37 13.84 1.95
C ILE A 186 -8.81 12.38 1.80
N VAL A 187 -8.51 11.81 0.63
CA VAL A 187 -9.03 10.51 0.24
C VAL A 187 -7.87 9.52 -0.03
N LEU A 188 -7.97 8.34 0.57
CA LEU A 188 -7.00 7.26 0.36
C LEU A 188 -7.09 6.75 -1.07
N ALA A 189 -5.93 6.58 -1.70
CA ALA A 189 -5.89 6.27 -3.12
C ALA A 189 -5.01 5.06 -3.46
N ASP A 190 -4.49 5.04 -4.69
CA ASP A 190 -3.63 3.96 -5.16
C ASP A 190 -4.15 2.57 -4.76
N GLU A 191 -3.27 1.73 -4.21
CA GLU A 191 -3.57 0.33 -3.97
C GLU A 191 -3.20 -0.09 -2.56
N ILE A 192 -3.73 -1.22 -2.11
CA ILE A 192 -3.26 -1.89 -0.90
C ILE A 192 -3.16 -3.38 -1.20
N SER A 193 -1.94 -3.89 -1.23
CA SER A 193 -1.70 -5.21 -1.75
C SER A 193 -0.39 -5.77 -1.20
N PRO A 194 -0.09 -7.05 -1.47
CA PRO A 194 1.20 -7.60 -1.05
C PRO A 194 2.40 -6.91 -1.73
N ASP A 195 2.14 -6.11 -2.76
CA ASP A 195 3.17 -5.26 -3.39
C ASP A 195 3.53 -4.08 -2.50
N THR A 196 2.55 -3.56 -1.77
CA THR A 196 2.74 -2.31 -1.04
C THR A 196 2.71 -2.46 0.49
N CYS A 197 2.75 -3.70 0.97
CA CYS A 197 2.79 -4.00 2.41
C CYS A 197 3.80 -5.10 2.70
N ARG A 198 4.33 -5.12 3.91
CA ARG A 198 5.00 -6.32 4.39
C ARG A 198 4.05 -7.12 5.26
N PHE A 199 3.87 -8.39 4.89
CA PHE A 199 3.04 -9.34 5.61
C PHE A 199 3.91 -10.52 6.03
N TRP A 200 3.98 -10.76 7.33
CA TRP A 200 4.68 -11.93 7.88
C TRP A 200 3.74 -12.90 8.51
N ASP A 201 3.92 -14.20 8.22
CA ASP A 201 3.20 -15.24 8.95
C ASP A 201 3.49 -15.09 10.44
N ALA A 202 2.44 -15.09 11.26
CA ALA A 202 2.57 -14.85 12.70
C ALA A 202 3.45 -15.87 13.43
N LYS A 203 3.46 -17.11 12.94
CA LYS A 203 4.19 -18.18 13.61
C LYS A 203 5.62 -18.33 13.11
N THR A 204 5.79 -18.34 11.79
CA THR A 204 7.08 -18.64 11.20
C THR A 204 7.90 -17.40 10.88
N LYS A 205 7.26 -16.23 10.93
CA LYS A 205 7.92 -14.96 10.58
C LYS A 205 8.22 -14.79 9.08
N ARG A 206 7.73 -15.72 8.26
CA ARG A 206 8.06 -15.72 6.83
C ARG A 206 7.27 -14.67 6.04
N SER A 207 7.94 -14.09 5.04
CA SER A 207 7.35 -13.06 4.20
C SER A 207 6.26 -13.63 3.30
N LEU A 208 5.11 -12.96 3.26
CA LEU A 208 4.06 -13.27 2.29
C LEU A 208 3.72 -12.00 1.48
N ASP A 209 4.71 -11.51 0.76
CA ASP A 209 4.64 -10.19 0.13
C ASP A 209 5.73 -10.05 -0.94
N LYS A 210 5.90 -8.85 -1.46
CA LYS A 210 6.89 -8.55 -2.50
C LYS A 210 8.35 -8.84 -2.11
N ASP A 211 8.64 -8.94 -0.81
CA ASP A 211 10.00 -9.27 -0.34
C ASP A 211 10.45 -10.64 -0.89
N VAL A 212 9.49 -11.53 -1.10
CA VAL A 212 9.72 -12.84 -1.73
C VAL A 212 10.35 -12.67 -3.12
N PHE A 213 9.81 -11.75 -3.92
CA PHE A 213 10.43 -11.36 -5.19
C PHE A 213 11.72 -10.56 -5.00
N ARG A 214 11.69 -9.59 -4.09
CA ARG A 214 12.88 -8.74 -3.84
C ARG A 214 14.14 -9.55 -3.50
N PHE A 215 13.99 -10.54 -2.61
CA PHE A 215 15.13 -11.30 -2.10
C PHE A 215 15.12 -12.80 -2.39
N ASP A 216 14.41 -13.21 -3.45
CA ASP A 216 14.37 -14.61 -3.90
C ASP A 216 14.10 -15.58 -2.74
N LYS A 217 13.02 -15.31 -2.03
CA LYS A 217 12.69 -16.10 -0.84
C LYS A 217 11.76 -17.24 -1.18
N GLY A 218 11.44 -17.38 -2.47
CA GLY A 218 10.52 -18.41 -2.94
C GLY A 218 9.60 -17.92 -4.04
N ASP A 219 8.44 -18.56 -4.15
CA ASP A 219 7.48 -18.31 -5.22
C ASP A 219 6.52 -17.18 -4.84
N LEU A 220 6.60 -16.07 -5.56
CA LEU A 220 5.79 -14.90 -5.29
C LEU A 220 4.28 -15.18 -5.38
N ILE A 221 3.88 -15.85 -6.46
CA ILE A 221 2.48 -16.22 -6.69
C ILE A 221 1.97 -17.07 -5.53
N GLU A 222 2.73 -18.10 -5.16
CA GLU A 222 2.41 -18.94 -3.99
C GLU A 222 2.21 -18.10 -2.74
N ALA A 223 3.07 -17.11 -2.53
CA ALA A 223 3.03 -16.28 -1.35
C ALA A 223 1.77 -15.42 -1.35
N TYR A 224 1.46 -14.83 -2.50
CA TYR A 224 0.29 -13.97 -2.67
C TYR A 224 -1.00 -14.79 -2.60
N LYS A 225 -0.97 -16.01 -3.17
CA LYS A 225 -2.11 -16.93 -3.04
C LYS A 225 -2.40 -17.21 -1.58
N GLU A 226 -1.36 -17.57 -0.82
CA GLU A 226 -1.48 -17.86 0.61
C GLU A 226 -2.17 -16.73 1.38
N ILE A 227 -1.75 -15.49 1.12
CA ILE A 227 -2.39 -14.28 1.67
C ILE A 227 -3.88 -14.22 1.31
N TYR A 228 -4.18 -14.39 0.03
CA TYR A 228 -5.55 -14.38 -0.46
C TYR A 228 -6.41 -15.46 0.21
N GLU A 229 -5.86 -16.67 0.35
CA GLU A 229 -6.59 -17.78 0.95
C GLU A 229 -6.82 -17.56 2.43
N ARG A 230 -5.79 -17.10 3.12
CA ARG A 230 -5.88 -16.80 4.54
C ARG A 230 -6.84 -15.67 4.90
N ILE A 231 -7.07 -14.77 3.96
CA ILE A 231 -7.96 -13.62 4.17
C ILE A 231 -9.40 -13.95 3.76
N THR A 232 -9.57 -14.50 2.56
CA THR A 232 -10.91 -14.79 2.05
C THR A 232 -11.50 -16.09 2.58
N GLY A 233 -10.67 -17.11 2.73
CA GLY A 233 -11.15 -18.43 3.15
C GLY A 233 -11.29 -19.39 1.97
N GLU A 234 -11.13 -18.87 0.76
CA GLU A 234 -11.23 -19.69 -0.46
C GLU A 234 -9.98 -19.58 -1.36
N LYS A 235 -9.76 -20.61 -2.17
CA LYS A 235 -8.67 -20.63 -3.16
C LYS A 235 -8.98 -19.69 -4.33
N PRO A 236 -7.95 -18.96 -4.82
CA PRO A 236 -8.11 -17.98 -5.91
C PRO A 236 -8.59 -18.59 -7.23
N GLU A 237 -9.60 -17.96 -7.85
CA GLU A 237 -10.21 -18.46 -9.07
C GLU A 237 -9.47 -18.05 -10.34
N PHE A 238 -8.95 -16.81 -10.36
CA PHE A 238 -8.30 -16.19 -11.53
C PHE A 238 -9.28 -15.95 -12.68
#